data_1MO0
#
_entry.id   1MO0
#
_cell.length_a   36.399
_cell.length_b   64.373
_cell.length_c   105.706
_cell.angle_alpha   90.00
_cell.angle_beta   91.53
_cell.angle_gamma   90.00
#
_symmetry.space_group_name_H-M   'P 1 21 1'
#
loop_
_entity.id
_entity.type
_entity.pdbx_description
1 polymer 'Triosephosphate isomerase'
2 non-polymer 'ACETATE ION'
3 non-polymer 'SULFATE ION'
4 water water
#
_entity_poly.entity_id   1
_entity_poly.type   'polypeptide(L)'
_entity_poly.pdbx_seq_one_letter_code
;MSYYHHHHHHLESTSLYKAGLTRKFFVGGNWKMNGDYASVDGIVTFLNASADNSSVDVVVAPPAPYLAYAKSKLKAGVLV
AAQNCYKVPKGAFTGEISPAMIKDLGLEWVILGHSERRHVFGESDALIAEKTVHALEAGIKVVFCIGEKLEEREAGHTKD
VNFRQLQAIVDKGVSWENIVIAYEPVWAIGTGKTASGEQAQEVHEWIRAFLKEKVSPAVADATRIIYGGSVTADNAAELG
KKPDIDGFLVGGASLKPDFVKIINARSTALSCTCW
;
_entity_poly.pdbx_strand_id   A,B
#
# COMPACT_ATOMS: atom_id res chain seq x y z
N SER A 13 0.52 29.31 -20.96
CA SER A 13 -0.83 28.84 -21.36
C SER A 13 -0.73 27.68 -22.35
N THR A 14 -1.85 27.03 -22.62
CA THR A 14 -1.89 25.89 -23.53
C THR A 14 -1.20 26.14 -24.86
N SER A 15 -0.06 25.50 -25.06
CA SER A 15 0.71 25.65 -26.29
C SER A 15 -0.10 25.13 -27.47
N LEU A 16 0.40 25.40 -28.68
CA LEU A 16 -0.29 24.97 -29.89
C LEU A 16 0.56 24.05 -30.77
N TYR A 17 1.86 24.29 -30.83
CA TYR A 17 2.75 23.48 -31.65
C TYR A 17 2.76 22.01 -31.24
N LYS A 18 2.72 21.12 -32.22
CA LYS A 18 2.74 19.68 -31.97
C LYS A 18 4.18 19.20 -31.87
N ALA A 19 4.41 18.25 -30.98
CA ALA A 19 5.75 17.70 -30.79
C ALA A 19 6.06 16.73 -31.93
N GLY A 20 7.35 16.44 -32.11
CA GLY A 20 7.76 15.50 -33.14
C GLY A 20 7.80 14.14 -32.48
N LEU A 21 7.88 13.07 -33.27
CA LEU A 21 7.94 11.72 -32.70
C LEU A 21 9.40 11.38 -32.40
N THR A 22 9.91 11.94 -31.30
CA THR A 22 11.31 11.74 -30.90
C THR A 22 11.47 11.05 -29.56
N ARG A 23 10.39 10.49 -29.03
CA ARG A 23 10.43 9.81 -27.73
C ARG A 23 10.00 8.36 -27.87
N LYS A 24 10.61 7.48 -27.07
CA LYS A 24 10.24 6.07 -27.09
C LYS A 24 8.84 5.92 -26.49
N PHE A 25 7.96 5.21 -27.18
CA PHE A 25 6.61 5.01 -26.69
C PHE A 25 6.60 4.28 -25.36
N PHE A 26 5.50 4.43 -24.63
CA PHE A 26 5.37 3.82 -23.31
C PHE A 26 3.93 3.35 -23.07
N VAL A 27 3.77 2.10 -22.66
CA VAL A 27 2.44 1.59 -22.36
C VAL A 27 2.50 0.88 -21.01
N GLY A 28 1.76 1.41 -20.04
CA GLY A 28 1.74 0.83 -18.72
C GLY A 28 0.40 0.20 -18.40
N GLY A 29 0.46 -0.89 -17.63
CA GLY A 29 -0.76 -1.57 -17.24
C GLY A 29 -0.83 -1.57 -15.72
N ASN A 30 -1.82 -0.88 -15.18
CA ASN A 30 -2.00 -0.79 -13.73
C ASN A 30 -3.09 -1.79 -13.35
N TRP A 31 -2.70 -2.88 -12.70
CA TRP A 31 -3.67 -3.92 -12.31
C TRP A 31 -4.54 -3.51 -11.12
N LYS A 32 -4.13 -2.46 -10.43
CA LYS A 32 -4.86 -1.97 -9.25
C LYS A 32 -5.04 -3.12 -8.25
N MET A 33 -6.16 -3.14 -7.53
CA MET A 33 -6.36 -4.21 -6.56
C MET A 33 -7.03 -5.41 -7.22
N ASN A 34 -6.29 -6.02 -8.14
CA ASN A 34 -6.78 -7.20 -8.86
C ASN A 34 -5.67 -8.22 -9.01
N GLY A 35 -6.02 -9.49 -8.83
CA GLY A 35 -5.03 -10.53 -9.00
C GLY A 35 -4.87 -11.55 -7.90
N ASP A 36 -4.67 -12.79 -8.34
CA ASP A 36 -4.41 -13.91 -7.46
C ASP A 36 -3.49 -14.75 -8.31
N TYR A 37 -2.82 -15.73 -7.73
CA TYR A 37 -1.90 -16.54 -8.52
C TYR A 37 -2.44 -17.00 -9.87
N ALA A 38 -3.64 -17.54 -9.88
CA ALA A 38 -4.25 -18.03 -11.12
C ALA A 38 -4.45 -16.94 -12.17
N SER A 39 -5.03 -15.81 -11.78
CA SER A 39 -5.30 -14.74 -12.74
C SER A 39 -4.00 -14.04 -13.18
N VAL A 40 -3.02 -13.97 -12.27
CA VAL A 40 -1.75 -13.35 -12.62
C VAL A 40 -1.06 -14.27 -13.63
N ASP A 41 -1.20 -15.58 -13.43
CA ASP A 41 -0.62 -16.56 -14.36
C ASP A 41 -1.19 -16.33 -15.75
N GLY A 42 -2.50 -16.12 -15.80
CA GLY A 42 -3.17 -15.90 -17.07
C GLY A 42 -2.66 -14.67 -17.80
N ILE A 43 -2.47 -13.59 -17.07
CA ILE A 43 -1.98 -12.34 -17.65
C ILE A 43 -0.55 -12.49 -18.14
N VAL A 44 0.29 -13.09 -17.31
CA VAL A 44 1.69 -13.30 -17.66
C VAL A 44 1.76 -14.13 -18.94
N THR A 45 0.87 -15.11 -19.06
CA THR A 45 0.85 -15.96 -20.24
C THR A 45 0.63 -15.17 -21.53
N PHE A 46 -0.40 -14.31 -21.58
CA PHE A 46 -0.61 -13.57 -22.82
C PHE A 46 0.40 -12.45 -23.02
N LEU A 47 1.04 -12.01 -21.94
CA LEU A 47 2.06 -10.96 -22.04
C LEU A 47 3.32 -11.56 -22.65
N ASN A 48 3.70 -12.75 -22.18
CA ASN A 48 4.90 -13.42 -22.70
C ASN A 48 4.73 -13.85 -24.15
N ALA A 49 3.54 -14.29 -24.52
CA ALA A 49 3.28 -14.73 -25.89
C ALA A 49 3.25 -13.56 -26.87
N SER A 50 2.96 -12.37 -26.36
CA SER A 50 2.88 -11.19 -27.20
C SER A 50 4.21 -10.89 -27.89
N ALA A 51 4.13 -10.25 -29.05
CA ALA A 51 5.33 -9.89 -29.80
C ALA A 51 6.12 -8.91 -28.96
N ASP A 52 7.44 -8.91 -29.13
CA ASP A 52 8.27 -7.99 -28.37
C ASP A 52 8.38 -6.65 -29.07
N ASN A 53 7.30 -5.89 -29.04
CA ASN A 53 7.27 -4.57 -29.65
C ASN A 53 8.37 -3.75 -28.99
N SER A 54 9.59 -3.94 -29.48
CA SER A 54 10.76 -3.26 -28.95
C SER A 54 10.63 -1.74 -29.06
N SER A 55 9.68 -1.28 -29.87
CA SER A 55 9.46 0.14 -30.05
C SER A 55 8.62 0.69 -28.91
N VAL A 56 8.33 -0.14 -27.92
CA VAL A 56 7.50 0.30 -26.80
C VAL A 56 7.98 -0.18 -25.43
N ASP A 57 8.13 0.74 -24.49
CA ASP A 57 8.50 0.36 -23.14
C ASP A 57 7.19 -0.18 -22.56
N VAL A 58 7.19 -1.43 -22.11
CA VAL A 58 5.97 -2.01 -21.54
C VAL A 58 6.17 -2.27 -20.06
N VAL A 59 5.31 -1.68 -19.25
CA VAL A 59 5.40 -1.81 -17.79
C VAL A 59 4.05 -2.22 -17.19
N VAL A 60 4.08 -3.18 -16.27
CA VAL A 60 2.84 -3.60 -15.63
C VAL A 60 3.00 -3.46 -14.12
N ALA A 61 1.93 -3.12 -13.42
CA ALA A 61 1.97 -2.91 -11.99
C ALA A 61 1.05 -3.84 -11.20
N PRO A 62 1.61 -4.94 -10.69
CA PRO A 62 0.82 -5.90 -9.91
C PRO A 62 0.67 -5.40 -8.49
N PRO A 63 -0.26 -5.98 -7.72
CA PRO A 63 -0.43 -5.56 -6.34
C PRO A 63 0.87 -5.98 -5.65
N ALA A 64 1.26 -5.27 -4.59
CA ALA A 64 2.50 -5.56 -3.89
C ALA A 64 2.84 -7.02 -3.57
N PRO A 65 1.88 -7.81 -3.08
CA PRO A 65 2.16 -9.21 -2.74
C PRO A 65 2.55 -10.09 -3.93
N TYR A 66 2.30 -9.62 -5.14
CA TYR A 66 2.61 -10.40 -6.34
C TYR A 66 3.73 -9.84 -7.19
N LEU A 67 4.43 -8.82 -6.69
CA LEU A 67 5.52 -8.21 -7.45
C LEU A 67 6.64 -9.18 -7.82
N ALA A 68 7.20 -9.86 -6.83
CA ALA A 68 8.29 -10.80 -7.09
C ALA A 68 7.83 -11.95 -7.99
N TYR A 69 6.61 -12.42 -7.76
CA TYR A 69 6.06 -13.52 -8.56
C TYR A 69 6.00 -13.13 -10.03
N ALA A 70 5.44 -11.95 -10.30
CA ALA A 70 5.32 -11.47 -11.67
C ALA A 70 6.68 -11.30 -12.33
N LYS A 71 7.63 -10.73 -11.60
CA LYS A 71 8.95 -10.52 -12.17
C LYS A 71 9.64 -11.84 -12.50
N SER A 72 9.44 -12.85 -11.66
CA SER A 72 10.07 -14.13 -11.90
C SER A 72 9.53 -14.85 -13.13
N LYS A 73 8.29 -14.57 -13.49
CA LYS A 73 7.66 -15.23 -14.63
C LYS A 73 7.63 -14.45 -15.94
N LEU A 74 7.71 -13.12 -15.87
CA LEU A 74 7.65 -12.29 -17.06
C LEU A 74 8.92 -12.26 -17.92
N LYS A 75 8.72 -12.17 -19.24
CA LYS A 75 9.83 -12.10 -20.17
C LYS A 75 10.50 -10.75 -19.95
N ALA A 76 11.77 -10.66 -20.32
CA ALA A 76 12.54 -9.42 -20.14
C ALA A 76 11.88 -8.17 -20.70
N GLY A 77 11.10 -8.33 -21.77
CA GLY A 77 10.46 -7.18 -22.39
C GLY A 77 9.38 -6.47 -21.59
N VAL A 78 8.88 -7.13 -20.54
CA VAL A 78 7.83 -6.53 -19.71
C VAL A 78 8.41 -6.22 -18.34
N LEU A 79 8.48 -4.93 -18.02
CA LEU A 79 9.01 -4.50 -16.73
C LEU A 79 7.90 -4.43 -15.68
N VAL A 80 8.26 -4.70 -14.42
CA VAL A 80 7.30 -4.70 -13.32
C VAL A 80 7.47 -3.46 -12.45
N ALA A 81 6.34 -2.84 -12.10
CA ALA A 81 6.36 -1.64 -11.27
C ALA A 81 5.48 -1.79 -10.03
N ALA A 82 5.80 -1.02 -9.00
CA ALA A 82 5.00 -1.03 -7.78
C ALA A 82 3.90 0.00 -8.03
N GLN A 83 2.76 -0.17 -7.36
CA GLN A 83 1.62 0.73 -7.53
C GLN A 83 1.69 2.00 -6.68
N ASN A 84 2.62 2.03 -5.73
CA ASN A 84 2.79 3.18 -4.83
C ASN A 84 3.96 2.88 -3.91
N CYS A 85 4.43 3.89 -3.19
CA CYS A 85 5.52 3.70 -2.23
C CYS A 85 5.58 4.91 -1.30
N TYR A 86 6.38 4.83 -0.25
CA TYR A 86 6.48 5.92 0.71
C TYR A 86 7.72 6.79 0.45
N LYS A 87 8.02 7.70 1.37
CA LYS A 87 9.13 8.63 1.19
C LYS A 87 10.46 8.41 1.92
N VAL A 88 10.62 7.27 2.59
CA VAL A 88 11.88 6.94 3.26
C VAL A 88 12.15 5.47 2.99
N PRO A 89 13.42 5.04 3.04
CA PRO A 89 13.72 3.63 2.77
C PRO A 89 13.25 2.61 3.80
N LYS A 90 13.31 2.97 5.08
CA LYS A 90 12.92 2.07 6.15
C LYS A 90 12.36 2.86 7.32
N GLY A 91 11.47 2.23 8.10
CA GLY A 91 10.91 2.93 9.24
C GLY A 91 9.57 2.41 9.72
N ALA A 92 9.04 3.09 10.73
CA ALA A 92 7.77 2.71 11.34
C ALA A 92 6.56 3.24 10.58
N PHE A 93 6.25 2.59 9.46
CA PHE A 93 5.11 2.98 8.65
C PHE A 93 4.39 1.72 8.19
N THR A 94 3.66 1.15 9.13
CA THR A 94 2.89 -0.07 8.89
C THR A 94 2.07 0.10 7.61
N GLY A 95 2.10 -0.91 6.76
CA GLY A 95 1.35 -0.88 5.52
C GLY A 95 2.03 -0.24 4.32
N GLU A 96 3.18 0.38 4.52
CA GLU A 96 3.91 1.04 3.43
C GLU A 96 5.09 0.24 2.89
N ILE A 97 5.52 0.60 1.67
CA ILE A 97 6.68 -0.03 1.05
C ILE A 97 7.54 1.12 0.53
N SER A 98 8.83 0.86 0.32
CA SER A 98 9.75 1.90 -0.12
C SER A 98 10.50 1.60 -1.41
N PRO A 99 11.14 2.63 -1.99
CA PRO A 99 11.91 2.41 -3.22
C PRO A 99 13.03 1.39 -2.95
N ALA A 100 13.54 1.38 -1.73
CA ALA A 100 14.59 0.44 -1.36
C ALA A 100 14.10 -0.98 -1.56
N MET A 101 12.85 -1.25 -1.15
CA MET A 101 12.27 -2.57 -1.33
C MET A 101 12.06 -2.84 -2.81
N ILE A 102 11.58 -1.82 -3.51
CA ILE A 102 11.33 -1.95 -4.95
C ILE A 102 12.63 -2.36 -5.63
N LYS A 103 13.74 -1.74 -5.22
CA LYS A 103 15.04 -2.05 -5.79
C LYS A 103 15.47 -3.46 -5.41
N ASP A 104 15.24 -3.83 -4.16
CA ASP A 104 15.60 -5.15 -3.66
C ASP A 104 14.93 -6.25 -4.47
N LEU A 105 13.70 -5.99 -4.91
CA LEU A 105 12.95 -6.97 -5.70
C LEU A 105 13.45 -7.02 -7.13
N GLY A 106 14.34 -6.09 -7.48
CA GLY A 106 14.88 -6.03 -8.83
C GLY A 106 14.03 -5.22 -9.77
N LEU A 107 13.18 -4.36 -9.22
CA LEU A 107 12.30 -3.52 -10.03
C LEU A 107 12.87 -2.12 -10.16
N GLU A 108 12.44 -1.38 -11.17
CA GLU A 108 12.95 -0.02 -11.37
C GLU A 108 11.86 0.99 -11.70
N TRP A 109 10.60 0.62 -11.43
CA TRP A 109 9.47 1.51 -11.70
C TRP A 109 8.45 1.57 -10.57
N VAL A 110 7.80 2.72 -10.44
CA VAL A 110 6.75 2.91 -9.45
C VAL A 110 5.77 3.95 -9.95
N ILE A 111 4.49 3.75 -9.65
CA ILE A 111 3.46 4.70 -10.03
C ILE A 111 3.20 5.59 -8.83
N LEU A 112 3.23 6.90 -9.01
CA LEU A 112 2.98 7.82 -7.91
C LEU A 112 1.94 8.86 -8.27
N GLY A 113 1.16 9.27 -7.28
CA GLY A 113 0.13 10.26 -7.49
C GLY A 113 -1.09 9.77 -8.24
N HIS A 114 -1.31 8.46 -8.27
CA HIS A 114 -2.48 7.94 -8.97
C HIS A 114 -3.74 8.56 -8.36
N SER A 115 -4.72 8.81 -9.22
CA SER A 115 -5.98 9.43 -8.81
C SER A 115 -6.58 8.76 -7.59
N GLU A 116 -6.53 7.43 -7.54
CA GLU A 116 -7.09 6.73 -6.39
C GLU A 116 -6.35 7.08 -5.09
N ARG A 117 -5.03 7.30 -5.19
CA ARG A 117 -4.26 7.66 -4.00
C ARG A 117 -4.58 9.08 -3.53
N ARG A 118 -4.72 9.98 -4.49
CA ARG A 118 -5.01 11.37 -4.19
C ARG A 118 -6.45 11.62 -3.70
N HIS A 119 -7.41 10.99 -4.36
CA HIS A 119 -8.81 11.23 -4.06
C HIS A 119 -9.59 10.21 -3.22
N VAL A 120 -9.05 9.00 -3.08
CA VAL A 120 -9.72 7.99 -2.26
C VAL A 120 -8.96 7.92 -0.94
N PHE A 121 -7.64 8.00 -1.00
CA PHE A 121 -6.82 7.91 0.20
C PHE A 121 -6.16 9.22 0.65
N GLY A 122 -6.65 10.32 0.10
CA GLY A 122 -6.18 11.66 0.46
C GLY A 122 -4.71 12.04 0.42
N GLU A 123 -3.92 11.43 -0.45
CA GLU A 123 -2.52 11.80 -0.53
C GLU A 123 -2.40 13.21 -1.11
N SER A 124 -1.69 14.08 -0.40
CA SER A 124 -1.51 15.48 -0.81
C SER A 124 -0.44 15.66 -1.88
N ASP A 125 -0.44 16.83 -2.51
CA ASP A 125 0.57 17.13 -3.53
C ASP A 125 1.94 17.11 -2.90
N ALA A 126 2.04 17.63 -1.68
CA ALA A 126 3.31 17.69 -0.96
C ALA A 126 3.86 16.29 -0.69
N LEU A 127 2.98 15.40 -0.23
CA LEU A 127 3.39 14.04 0.06
C LEU A 127 3.85 13.35 -1.22
N ILE A 128 3.06 13.47 -2.27
CA ILE A 128 3.40 12.85 -3.53
C ILE A 128 4.70 13.41 -4.11
N ALA A 129 4.95 14.71 -3.91
CA ALA A 129 6.18 15.30 -4.41
C ALA A 129 7.37 14.74 -3.61
N GLU A 130 7.21 14.60 -2.30
CA GLU A 130 8.27 14.05 -1.45
C GLU A 130 8.57 12.62 -1.86
N LYS A 131 7.52 11.84 -2.12
CA LYS A 131 7.69 10.45 -2.52
C LYS A 131 8.46 10.39 -3.84
N THR A 132 8.11 11.28 -4.77
CA THR A 132 8.75 11.32 -6.08
C THR A 132 10.23 11.68 -5.96
N VAL A 133 10.54 12.70 -5.19
CA VAL A 133 11.93 13.11 -4.98
C VAL A 133 12.75 11.94 -4.44
N HIS A 134 12.21 11.27 -3.43
CA HIS A 134 12.89 10.14 -2.80
C HIS A 134 13.04 8.93 -3.73
N ALA A 135 12.00 8.63 -4.50
CA ALA A 135 12.05 7.52 -5.44
C ALA A 135 13.13 7.78 -6.48
N LEU A 136 13.15 9.00 -7.01
CA LEU A 136 14.14 9.34 -8.01
C LEU A 136 15.57 9.26 -7.44
N GLU A 137 15.75 9.76 -6.22
CA GLU A 137 17.08 9.71 -5.59
C GLU A 137 17.51 8.26 -5.47
N ALA A 138 16.55 7.38 -5.24
CA ALA A 138 16.83 5.95 -5.09
C ALA A 138 17.19 5.25 -6.40
N GLY A 139 17.01 5.94 -7.52
CA GLY A 139 17.33 5.35 -8.80
C GLY A 139 16.17 4.66 -9.49
N ILE A 140 14.97 4.78 -8.95
CA ILE A 140 13.81 4.16 -9.56
C ILE A 140 13.13 5.18 -10.48
N LYS A 141 12.43 4.71 -11.50
CA LYS A 141 11.75 5.60 -12.43
C LYS A 141 10.31 5.76 -11.99
N VAL A 142 9.74 6.94 -12.26
CA VAL A 142 8.39 7.24 -11.81
C VAL A 142 7.36 7.59 -12.87
N VAL A 143 6.19 6.97 -12.78
CA VAL A 143 5.07 7.28 -13.66
C VAL A 143 4.29 8.23 -12.73
N PHE A 144 4.44 9.52 -12.99
CA PHE A 144 3.82 10.59 -12.20
C PHE A 144 2.43 10.94 -12.74
N CYS A 145 1.39 10.62 -11.98
CA CYS A 145 0.02 10.88 -12.42
C CYS A 145 -0.59 12.20 -11.99
N ILE A 146 -1.27 12.85 -12.95
CA ILE A 146 -1.96 14.12 -12.72
C ILE A 146 -3.31 14.07 -13.43
N GLY A 147 -4.24 14.93 -13.01
CA GLY A 147 -5.54 14.94 -13.64
C GLY A 147 -6.59 15.69 -12.85
N GLU A 148 -7.55 16.26 -13.55
CA GLU A 148 -8.60 17.04 -12.93
C GLU A 148 -9.93 16.30 -12.84
N LYS A 149 -10.76 16.72 -11.90
CA LYS A 149 -12.09 16.12 -11.74
C LYS A 149 -13.03 16.81 -12.74
N LEU A 150 -14.14 16.15 -13.04
CA LEU A 150 -15.11 16.69 -13.99
C LEU A 150 -15.55 18.11 -13.65
N GLU A 151 -15.88 18.35 -12.39
CA GLU A 151 -16.34 19.67 -11.95
C GLU A 151 -15.27 20.73 -12.15
N GLU A 152 -14.01 20.34 -11.99
CA GLU A 152 -12.89 21.27 -12.14
C GLU A 152 -12.70 21.65 -13.61
N ARG A 153 -12.81 20.68 -14.50
CA ARG A 153 -12.68 20.96 -15.93
C ARG A 153 -13.82 21.88 -16.37
N GLU A 154 -15.02 21.62 -15.86
CA GLU A 154 -16.18 22.42 -16.22
C GLU A 154 -16.05 23.85 -15.70
N ALA A 155 -15.30 24.01 -14.61
CA ALA A 155 -15.08 25.33 -14.02
C ALA A 155 -13.90 25.99 -14.72
N GLY A 156 -13.39 25.31 -15.75
CA GLY A 156 -12.27 25.82 -16.51
C GLY A 156 -10.95 25.79 -15.77
N HIS A 157 -10.77 24.81 -14.87
CA HIS A 157 -9.53 24.73 -14.12
C HIS A 157 -8.66 23.52 -14.41
N THR A 158 -8.82 22.91 -15.58
CA THR A 158 -8.00 21.76 -15.95
C THR A 158 -6.52 22.14 -15.85
N LYS A 159 -6.15 23.27 -16.44
CA LYS A 159 -4.76 23.73 -16.41
C LYS A 159 -4.29 24.03 -14.99
N ASP A 160 -5.18 24.61 -14.18
CA ASP A 160 -4.84 24.96 -12.81
C ASP A 160 -4.53 23.75 -11.94
N VAL A 161 -5.30 22.68 -12.14
CA VAL A 161 -5.08 21.45 -11.38
C VAL A 161 -3.77 20.82 -11.81
N ASN A 162 -3.61 20.58 -13.11
CA ASN A 162 -2.38 19.97 -13.61
C ASN A 162 -1.15 20.80 -13.27
N PHE A 163 -1.27 22.12 -13.36
CA PHE A 163 -0.15 22.99 -13.03
C PHE A 163 0.30 22.80 -11.59
N ARG A 164 -0.66 22.81 -10.67
CA ARG A 164 -0.35 22.66 -9.25
C ARG A 164 0.32 21.31 -8.96
N GLN A 165 -0.23 20.24 -9.50
CA GLN A 165 0.31 18.92 -9.25
C GLN A 165 1.73 18.76 -9.78
N LEU A 166 2.01 19.37 -10.93
CA LEU A 166 3.34 19.31 -11.53
C LEU A 166 4.29 20.27 -10.83
N GLN A 167 3.79 21.45 -10.50
CA GLN A 167 4.62 22.45 -9.82
C GLN A 167 5.10 21.91 -8.48
N ALA A 168 4.33 20.99 -7.89
CA ALA A 168 4.70 20.41 -6.60
C ALA A 168 6.07 19.73 -6.68
N ILE A 169 6.37 19.07 -7.81
CA ILE A 169 7.67 18.42 -7.94
C ILE A 169 8.72 19.33 -8.53
N VAL A 170 8.30 20.36 -9.25
CA VAL A 170 9.26 21.32 -9.80
C VAL A 170 9.84 22.04 -8.59
N ASP A 171 8.99 22.38 -7.62
CA ASP A 171 9.43 23.08 -6.41
C ASP A 171 10.40 22.25 -5.58
N LYS A 172 10.36 20.93 -5.76
CA LYS A 172 11.25 20.03 -5.03
C LYS A 172 12.57 19.88 -5.79
N GLY A 173 12.62 20.47 -6.98
CA GLY A 173 13.82 20.41 -7.80
C GLY A 173 14.18 19.06 -8.35
N VAL A 174 13.18 18.30 -8.81
CA VAL A 174 13.43 16.98 -9.37
C VAL A 174 14.03 17.12 -10.77
N SER A 175 14.69 16.06 -11.23
CA SER A 175 15.24 16.04 -12.59
C SER A 175 14.14 15.29 -13.33
N TRP A 176 14.14 15.33 -14.66
CA TRP A 176 13.06 14.67 -15.41
C TRP A 176 13.41 13.47 -16.30
N GLU A 177 14.69 13.09 -16.36
CA GLU A 177 15.07 11.97 -17.21
C GLU A 177 14.33 10.69 -16.89
N ASN A 178 14.02 10.46 -15.61
CA ASN A 178 13.34 9.24 -15.22
C ASN A 178 11.89 9.40 -14.80
N ILE A 179 11.22 10.39 -15.39
CA ILE A 179 9.81 10.63 -15.11
C ILE A 179 8.98 10.49 -16.38
N VAL A 180 7.86 9.77 -16.24
CA VAL A 180 6.91 9.60 -17.33
C VAL A 180 5.66 10.25 -16.75
N ILE A 181 5.14 11.28 -17.41
CA ILE A 181 3.96 11.95 -16.92
C ILE A 181 2.73 11.25 -17.47
N ALA A 182 1.78 10.92 -16.59
CA ALA A 182 0.55 10.28 -17.01
C ALA A 182 -0.61 11.22 -16.75
N TYR A 183 -1.23 11.72 -17.82
CA TYR A 183 -2.38 12.58 -17.66
C TYR A 183 -3.60 11.68 -17.65
N GLU A 184 -4.29 11.65 -16.53
CA GLU A 184 -5.48 10.82 -16.42
C GLU A 184 -6.64 11.59 -15.79
N PRO A 185 -7.53 12.14 -16.62
CA PRO A 185 -8.69 12.90 -16.12
C PRO A 185 -9.45 11.98 -15.18
N VAL A 186 -9.72 12.44 -13.96
CA VAL A 186 -10.42 11.60 -13.00
C VAL A 186 -11.74 11.08 -13.56
N TRP A 187 -12.42 11.92 -14.33
CA TRP A 187 -13.70 11.53 -14.91
C TRP A 187 -13.64 10.43 -15.96
N ALA A 188 -12.44 10.13 -16.45
CA ALA A 188 -12.28 9.09 -17.47
C ALA A 188 -11.83 7.76 -16.90
N ILE A 189 -11.51 7.73 -15.61
CA ILE A 189 -11.03 6.51 -14.98
C ILE A 189 -12.14 5.50 -14.66
N GLY A 190 -12.11 4.37 -15.35
CA GLY A 190 -13.06 3.29 -15.14
C GLY A 190 -14.52 3.57 -15.47
N THR A 191 -14.77 4.69 -16.15
CA THR A 191 -16.13 5.09 -16.50
C THR A 191 -16.49 4.88 -17.96
N GLY A 192 -15.49 4.65 -18.81
CA GLY A 192 -15.73 4.48 -20.22
C GLY A 192 -15.80 5.83 -20.88
N LYS A 193 -15.78 6.89 -20.07
CA LYS A 193 -15.83 8.25 -20.56
C LYS A 193 -14.43 8.72 -20.97
N THR A 194 -13.92 8.11 -22.03
CA THR A 194 -12.59 8.42 -22.54
C THR A 194 -12.49 9.84 -23.07
N ALA A 195 -11.34 10.47 -22.86
CA ALA A 195 -11.13 11.81 -23.39
C ALA A 195 -10.99 11.64 -24.90
N SER A 196 -11.41 12.63 -25.67
CA SER A 196 -11.29 12.54 -27.13
C SER A 196 -9.82 12.76 -27.45
N GLY A 197 -9.41 12.35 -28.65
CA GLY A 197 -8.03 12.53 -29.06
C GLY A 197 -7.67 14.01 -28.98
N GLU A 198 -8.63 14.85 -29.38
CA GLU A 198 -8.43 16.30 -29.35
C GLU A 198 -8.21 16.79 -27.92
N GLN A 199 -9.10 16.40 -27.01
CA GLN A 199 -8.97 16.81 -25.60
C GLN A 199 -7.64 16.40 -25.00
N ALA A 200 -7.20 15.17 -25.27
CA ALA A 200 -5.94 14.67 -24.74
C ALA A 200 -4.76 15.42 -25.36
N GLN A 201 -4.77 15.54 -26.68
CA GLN A 201 -3.69 16.23 -27.38
C GLN A 201 -3.51 17.65 -26.83
N GLU A 202 -4.61 18.36 -26.62
CA GLU A 202 -4.48 19.72 -26.11
C GLU A 202 -3.87 19.76 -24.71
N VAL A 203 -4.24 18.82 -23.84
CA VAL A 203 -3.66 18.82 -22.49
C VAL A 203 -2.18 18.46 -22.55
N HIS A 204 -1.83 17.47 -23.37
CA HIS A 204 -0.44 17.07 -23.48
C HIS A 204 0.42 18.21 -24.05
N GLU A 205 -0.14 18.98 -25.00
CA GLU A 205 0.62 20.10 -25.55
C GLU A 205 0.84 21.12 -24.44
N TRP A 206 -0.18 21.33 -23.62
CA TRP A 206 -0.08 22.27 -22.51
C TRP A 206 1.02 21.80 -21.55
N ILE A 207 1.02 20.50 -21.25
CA ILE A 207 2.02 19.96 -20.33
C ILE A 207 3.42 20.21 -20.87
N ARG A 208 3.63 20.00 -22.17
CA ARG A 208 4.95 20.24 -22.75
C ARG A 208 5.30 21.71 -22.71
N ALA A 209 4.30 22.56 -22.88
CA ALA A 209 4.52 24.00 -22.84
C ALA A 209 4.99 24.35 -21.44
N PHE A 210 4.35 23.73 -20.44
CA PHE A 210 4.69 23.93 -19.04
C PHE A 210 6.16 23.53 -18.82
N LEU A 211 6.52 22.34 -19.32
CA LEU A 211 7.88 21.84 -19.18
C LEU A 211 8.90 22.74 -19.89
N LYS A 212 8.53 23.26 -21.05
CA LYS A 212 9.42 24.11 -21.81
C LYS A 212 9.77 25.38 -21.03
N GLU A 213 8.77 25.97 -20.39
CA GLU A 213 8.97 27.19 -19.62
C GLU A 213 9.54 26.98 -18.23
N LYS A 214 9.04 25.96 -17.54
CA LYS A 214 9.47 25.65 -16.19
C LYS A 214 10.81 24.94 -16.09
N VAL A 215 11.13 24.13 -17.11
CA VAL A 215 12.38 23.39 -17.12
C VAL A 215 13.24 23.78 -18.31
N SER A 216 12.99 23.16 -19.46
CA SER A 216 13.75 23.47 -20.67
C SER A 216 13.11 22.82 -21.89
N PRO A 217 13.43 23.33 -23.09
CA PRO A 217 12.86 22.77 -24.33
C PRO A 217 13.28 21.31 -24.47
N ALA A 218 14.52 21.03 -24.07
CA ALA A 218 15.06 19.67 -24.16
C ALA A 218 14.22 18.69 -23.34
N VAL A 219 13.86 19.11 -22.12
CA VAL A 219 13.06 18.25 -21.25
C VAL A 219 11.66 18.09 -21.80
N ALA A 220 11.11 19.18 -22.34
CA ALA A 220 9.77 19.16 -22.89
C ALA A 220 9.65 18.14 -24.03
N ASP A 221 10.67 18.07 -24.87
CA ASP A 221 10.62 17.15 -26.00
C ASP A 221 11.11 15.73 -25.70
N ALA A 222 11.71 15.53 -24.53
CA ALA A 222 12.22 14.20 -24.18
C ALA A 222 11.31 13.45 -23.22
N THR A 223 10.53 14.18 -22.43
CA THR A 223 9.65 13.57 -21.45
C THR A 223 8.42 12.91 -22.05
N ARG A 224 8.25 11.61 -21.79
CA ARG A 224 7.09 10.90 -22.27
C ARG A 224 5.87 11.37 -21.49
N ILE A 225 4.77 11.60 -22.20
CA ILE A 225 3.51 12.00 -21.58
C ILE A 225 2.47 11.04 -22.11
N ILE A 226 1.97 10.16 -21.25
CA ILE A 226 1.00 9.17 -21.65
C ILE A 226 -0.40 9.52 -21.15
N TYR A 227 -1.41 9.06 -21.89
CA TYR A 227 -2.79 9.32 -21.53
C TYR A 227 -3.41 8.09 -20.86
N GLY A 228 -4.23 8.33 -19.85
CA GLY A 228 -4.89 7.25 -19.15
C GLY A 228 -6.33 7.62 -18.87
N GLY A 229 -7.20 6.62 -18.79
CA GLY A 229 -8.60 6.89 -18.52
C GLY A 229 -9.47 6.25 -19.59
N SER A 230 -9.86 5.01 -19.34
CA SER A 230 -10.69 4.25 -20.25
C SER A 230 -10.09 4.04 -21.64
N VAL A 231 -8.81 3.69 -21.66
CA VAL A 231 -8.14 3.38 -22.92
C VAL A 231 -8.51 1.93 -23.19
N THR A 232 -8.96 1.65 -24.41
CA THR A 232 -9.35 0.29 -24.78
C THR A 232 -8.71 -0.10 -26.09
N ALA A 233 -8.84 -1.38 -26.45
CA ALA A 233 -8.28 -1.88 -27.69
C ALA A 233 -8.90 -1.16 -28.88
N ASP A 234 -10.11 -0.66 -28.71
CA ASP A 234 -10.81 0.04 -29.78
C ASP A 234 -10.47 1.51 -30.00
N ASN A 235 -9.93 2.17 -28.98
CA ASN A 235 -9.60 3.60 -29.15
C ASN A 235 -8.10 3.91 -29.11
N ALA A 236 -7.29 2.92 -28.76
CA ALA A 236 -5.84 3.11 -28.67
C ALA A 236 -5.23 3.67 -29.96
N ALA A 237 -5.54 3.03 -31.09
CA ALA A 237 -5.01 3.47 -32.38
C ALA A 237 -5.39 4.91 -32.66
N GLU A 238 -6.66 5.24 -32.43
CA GLU A 238 -7.17 6.59 -32.65
C GLU A 238 -6.44 7.63 -31.80
N LEU A 239 -6.26 7.34 -30.53
CA LEU A 239 -5.56 8.26 -29.63
C LEU A 239 -4.09 8.37 -30.00
N GLY A 240 -3.50 7.25 -30.39
CA GLY A 240 -2.09 7.23 -30.75
C GLY A 240 -1.73 8.06 -31.98
N LYS A 241 -2.73 8.55 -32.69
CA LYS A 241 -2.50 9.37 -33.88
C LYS A 241 -1.92 10.73 -33.50
N LYS A 242 -2.21 11.17 -32.27
CA LYS A 242 -1.73 12.46 -31.78
C LYS A 242 -0.25 12.36 -31.39
N PRO A 243 0.59 13.20 -32.01
CA PRO A 243 2.04 13.19 -31.73
C PRO A 243 2.46 13.47 -30.30
N ASP A 244 1.63 14.19 -29.53
CA ASP A 244 1.99 14.49 -28.15
C ASP A 244 1.59 13.40 -27.15
N ILE A 245 0.87 12.40 -27.61
CA ILE A 245 0.46 11.28 -26.76
C ILE A 245 1.46 10.17 -27.03
N ASP A 246 2.35 9.94 -26.08
CA ASP A 246 3.42 8.95 -26.23
C ASP A 246 3.10 7.54 -25.80
N GLY A 247 1.85 7.31 -25.43
CA GLY A 247 1.47 5.98 -24.98
C GLY A 247 0.30 6.08 -24.06
N PHE A 248 0.08 5.05 -23.26
CA PHE A 248 -1.07 5.04 -22.38
C PHE A 248 -0.81 4.39 -21.04
N LEU A 249 -1.66 4.71 -20.08
CA LEU A 249 -1.63 4.08 -18.77
C LEU A 249 -2.99 3.40 -18.83
N VAL A 250 -2.98 2.07 -18.76
CA VAL A 250 -4.19 1.27 -18.86
C VAL A 250 -4.60 0.57 -17.57
N GLY A 251 -5.86 0.76 -17.17
CA GLY A 251 -6.35 0.14 -15.96
C GLY A 251 -7.10 -1.16 -16.22
N GLY A 252 -8.43 -1.06 -16.32
CA GLY A 252 -9.24 -2.24 -16.55
C GLY A 252 -8.80 -3.16 -17.67
N ALA A 253 -8.44 -2.59 -18.82
CA ALA A 253 -8.04 -3.39 -19.96
C ALA A 253 -6.68 -4.08 -19.81
N SER A 254 -5.93 -3.75 -18.76
CA SER A 254 -4.61 -4.35 -18.57
C SER A 254 -4.76 -5.75 -17.99
N LEU A 255 -5.97 -6.08 -17.53
CA LEU A 255 -6.25 -7.39 -16.95
C LEU A 255 -6.70 -8.40 -17.99
N LYS A 256 -6.86 -7.95 -19.23
CA LYS A 256 -7.32 -8.80 -20.32
C LYS A 256 -6.38 -8.81 -21.52
N PRO A 257 -6.56 -9.79 -22.43
CA PRO A 257 -5.74 -9.94 -23.65
C PRO A 257 -5.74 -8.66 -24.50
N ASP A 258 -6.79 -7.86 -24.36
CA ASP A 258 -6.89 -6.61 -25.12
C ASP A 258 -5.72 -5.68 -24.82
N PHE A 259 -5.08 -5.89 -23.68
CA PHE A 259 -3.93 -5.07 -23.31
C PHE A 259 -2.87 -5.19 -24.40
N VAL A 260 -2.73 -6.40 -24.94
CA VAL A 260 -1.77 -6.66 -26.01
C VAL A 260 -2.15 -5.91 -27.28
N LYS A 261 -3.44 -5.85 -27.56
CA LYS A 261 -3.91 -5.14 -28.75
C LYS A 261 -3.60 -3.66 -28.59
N ILE A 262 -3.64 -3.17 -27.37
CA ILE A 262 -3.34 -1.77 -27.10
C ILE A 262 -1.85 -1.52 -27.34
N ILE A 263 -1.01 -2.45 -26.88
CA ILE A 263 0.42 -2.31 -27.08
C ILE A 263 0.73 -2.35 -28.57
N ASN A 264 0.10 -3.30 -29.28
CA ASN A 264 0.33 -3.42 -30.72
C ASN A 264 -0.10 -2.15 -31.46
N ALA A 265 -1.20 -1.56 -31.02
CA ALA A 265 -1.69 -0.33 -31.66
C ALA A 265 -0.69 0.81 -31.52
N ARG A 266 0.03 0.83 -30.41
CA ARG A 266 1.01 1.88 -30.15
C ARG A 266 2.36 1.66 -30.84
N SER A 267 2.76 0.40 -30.95
CA SER A 267 4.05 0.07 -31.56
C SER A 267 4.20 0.55 -32.99
N THR A 268 5.43 0.62 -33.47
CA THR A 268 5.70 1.06 -34.83
C THR A 268 5.04 0.09 -35.82
N ALA A 269 4.30 0.65 -36.77
CA ALA A 269 3.61 -0.14 -37.78
C ALA A 269 4.57 -0.91 -38.70
N ARG B 23 -6.97 -17.94 28.29
CA ARG B 23 -6.54 -17.25 27.05
C ARG B 23 -5.09 -17.57 26.71
N LYS B 24 -4.87 -18.16 25.55
CA LYS B 24 -3.54 -18.54 25.10
C LYS B 24 -2.72 -17.30 24.75
N PHE B 25 -1.46 -17.27 25.17
CA PHE B 25 -0.58 -16.14 24.91
C PHE B 25 -0.41 -15.90 23.41
N PHE B 26 -0.39 -14.63 23.02
CA PHE B 26 -0.27 -14.27 21.61
C PHE B 26 0.83 -13.23 21.46
N VAL B 27 1.82 -13.53 20.62
CA VAL B 27 2.91 -12.58 20.39
C VAL B 27 3.06 -12.31 18.89
N GLY B 28 2.85 -11.06 18.51
CA GLY B 28 2.96 -10.69 17.12
C GLY B 28 4.13 -9.77 16.88
N GLY B 29 4.78 -9.94 15.73
CA GLY B 29 5.91 -9.10 15.39
C GLY B 29 5.55 -8.33 14.13
N ASN B 30 5.40 -7.01 14.28
CA ASN B 30 5.06 -6.16 13.14
C ASN B 30 6.37 -5.54 12.63
N TRP B 31 6.82 -6.01 11.47
CA TRP B 31 8.07 -5.53 10.90
C TRP B 31 7.94 -4.14 10.31
N LYS B 32 6.70 -3.70 10.14
CA LYS B 32 6.42 -2.38 9.56
C LYS B 32 7.13 -2.22 8.22
N MET B 33 7.64 -1.03 7.92
CA MET B 33 8.31 -0.85 6.64
C MET B 33 9.79 -1.17 6.77
N ASN B 34 10.08 -2.43 7.11
CA ASN B 34 11.44 -2.90 7.27
C ASN B 34 11.65 -4.23 6.58
N GLY B 35 12.75 -4.34 5.86
CA GLY B 35 13.05 -5.60 5.21
C GLY B 35 13.41 -5.64 3.75
N ASP B 36 14.34 -6.55 3.47
CA ASP B 36 14.82 -6.86 2.13
C ASP B 36 15.11 -8.34 2.29
N TYR B 37 15.35 -9.05 1.20
CA TYR B 37 15.60 -10.48 1.29
C TYR B 37 16.65 -10.86 2.35
N ALA B 38 17.72 -10.09 2.42
CA ALA B 38 18.79 -10.36 3.38
C ALA B 38 18.37 -10.20 4.84
N SER B 39 17.70 -9.09 5.16
CA SER B 39 17.27 -8.89 6.54
C SER B 39 16.13 -9.84 6.90
N VAL B 40 15.27 -10.13 5.93
CA VAL B 40 14.16 -11.05 6.18
C VAL B 40 14.74 -12.44 6.45
N ASP B 41 15.79 -12.80 5.72
CA ASP B 41 16.42 -14.10 5.92
C ASP B 41 17.00 -14.19 7.32
N GLY B 42 17.55 -13.08 7.81
CA GLY B 42 18.12 -13.06 9.14
C GLY B 42 17.07 -13.28 10.21
N ILE B 43 15.90 -12.68 10.04
CA ILE B 43 14.83 -12.83 11.00
C ILE B 43 14.28 -14.24 10.94
N VAL B 44 14.07 -14.75 9.73
CA VAL B 44 13.55 -16.10 9.55
C VAL B 44 14.49 -17.08 10.23
N THR B 45 15.79 -16.82 10.12
CA THR B 45 16.79 -17.69 10.71
C THR B 45 16.65 -17.84 12.23
N PHE B 46 16.60 -16.73 12.97
CA PHE B 46 16.49 -16.87 14.41
C PHE B 46 15.12 -17.41 14.84
N LEU B 47 14.09 -17.11 14.07
CA LEU B 47 12.76 -17.62 14.40
C LEU B 47 12.72 -19.13 14.17
N ASN B 48 13.24 -19.58 13.03
CA ASN B 48 13.23 -21.01 12.72
C ASN B 48 14.11 -21.81 13.69
N ALA B 49 15.17 -21.18 14.19
CA ALA B 49 16.06 -21.85 15.13
C ALA B 49 15.33 -22.17 16.42
N SER B 50 14.39 -21.31 16.80
CA SER B 50 13.65 -21.52 18.04
C SER B 50 12.65 -22.67 17.95
N ALA B 51 12.37 -23.28 19.09
CA ALA B 51 11.41 -24.38 19.14
C ALA B 51 10.04 -23.77 19.38
N ASP B 52 8.98 -24.44 18.93
CA ASP B 52 7.64 -23.92 19.13
C ASP B 52 7.23 -24.02 20.58
N ASN B 53 6.41 -23.07 21.02
CA ASN B 53 5.92 -23.06 22.39
C ASN B 53 4.42 -23.33 22.32
N SER B 54 4.01 -24.50 22.80
CA SER B 54 2.60 -24.89 22.76
C SER B 54 1.66 -23.87 23.38
N SER B 55 2.17 -23.07 24.33
CA SER B 55 1.33 -22.08 24.99
C SER B 55 1.40 -20.69 24.37
N VAL B 56 1.98 -20.57 23.18
CA VAL B 56 2.08 -19.26 22.54
C VAL B 56 1.89 -19.28 21.03
N ASP B 57 0.97 -18.42 20.56
CA ASP B 57 0.71 -18.27 19.14
C ASP B 57 1.67 -17.18 18.67
N VAL B 58 2.39 -17.43 17.59
CA VAL B 58 3.34 -16.44 17.08
C VAL B 58 2.95 -16.02 15.66
N VAL B 59 2.84 -14.71 15.46
CA VAL B 59 2.48 -14.16 14.17
C VAL B 59 3.45 -13.03 13.83
N VAL B 60 3.90 -12.98 12.58
CA VAL B 60 4.78 -11.89 12.15
C VAL B 60 4.16 -11.24 10.92
N ALA B 61 4.33 -9.94 10.80
CA ALA B 61 3.75 -9.20 9.69
C ALA B 61 4.80 -8.52 8.82
N PRO B 62 5.19 -9.18 7.72
CA PRO B 62 6.19 -8.66 6.78
C PRO B 62 5.57 -7.61 5.86
N PRO B 63 6.41 -6.79 5.21
CA PRO B 63 5.85 -5.78 4.31
C PRO B 63 5.21 -6.59 3.17
N ALA B 64 4.16 -6.08 2.55
CA ALA B 64 3.44 -6.79 1.48
C ALA B 64 4.26 -7.52 0.42
N PRO B 65 5.32 -6.90 -0.12
CA PRO B 65 6.15 -7.54 -1.15
C PRO B 65 6.88 -8.80 -0.71
N TYR B 66 6.95 -9.03 0.60
CA TYR B 66 7.65 -10.21 1.13
C TYR B 66 6.76 -11.21 1.83
N LEU B 67 5.44 -11.03 1.74
CA LEU B 67 4.51 -11.96 2.39
C LEU B 67 4.71 -13.40 1.93
N ALA B 68 4.65 -13.64 0.62
CA ALA B 68 4.83 -15.00 0.10
C ALA B 68 6.21 -15.56 0.45
N TYR B 69 7.24 -14.73 0.31
CA TYR B 69 8.60 -15.17 0.61
C TYR B 69 8.70 -15.64 2.06
N ALA B 70 8.18 -14.83 2.99
CA ALA B 70 8.22 -15.18 4.40
C ALA B 70 7.45 -16.46 4.67
N LYS B 71 6.27 -16.59 4.07
CA LYS B 71 5.43 -17.77 4.23
C LYS B 71 6.17 -19.04 3.80
N SER B 72 6.91 -18.96 2.70
CA SER B 72 7.62 -20.12 2.21
C SER B 72 8.86 -20.47 3.05
N LYS B 73 9.47 -19.46 3.67
CA LYS B 73 10.68 -19.67 4.46
C LYS B 73 10.50 -19.98 5.95
N LEU B 74 9.42 -19.48 6.55
CA LEU B 74 9.19 -19.69 7.97
C LEU B 74 8.65 -21.06 8.35
N LYS B 75 9.05 -21.52 9.53
CA LYS B 75 8.59 -22.80 10.04
C LYS B 75 7.07 -22.68 10.20
N ALA B 76 6.36 -23.80 10.13
CA ALA B 76 4.90 -23.78 10.24
C ALA B 76 4.40 -23.15 11.54
N GLY B 77 5.24 -23.16 12.57
CA GLY B 77 4.84 -22.60 13.85
C GLY B 77 4.65 -21.10 13.89
N VAL B 78 5.15 -20.42 12.88
CA VAL B 78 5.00 -18.96 12.82
C VAL B 78 4.09 -18.62 11.66
N LEU B 79 2.98 -17.95 11.97
CA LEU B 79 2.02 -17.56 10.94
C LEU B 79 2.35 -16.16 10.44
N VAL B 80 2.05 -15.92 9.17
CA VAL B 80 2.32 -14.63 8.53
C VAL B 80 1.03 -13.82 8.39
N ALA B 81 1.14 -12.53 8.68
CA ALA B 81 -0.01 -11.64 8.59
C ALA B 81 0.33 -10.46 7.71
N ALA B 82 -0.71 -9.87 7.11
CA ALA B 82 -0.54 -8.68 6.28
C ALA B 82 -0.62 -7.50 7.25
N GLN B 83 0.02 -6.40 6.90
CA GLN B 83 0.03 -5.21 7.75
C GLN B 83 -1.19 -4.31 7.60
N ASN B 84 -2.01 -4.57 6.58
CA ASN B 84 -3.20 -3.76 6.32
C ASN B 84 -3.91 -4.35 5.12
N CYS B 85 -5.15 -3.90 4.88
CA CYS B 85 -5.91 -4.35 3.71
C CYS B 85 -7.09 -3.40 3.50
N TYR B 86 -7.81 -3.57 2.39
CA TYR B 86 -8.94 -2.70 2.10
C TYR B 86 -10.27 -3.39 2.43
N LYS B 87 -11.38 -2.80 1.99
CA LYS B 87 -12.71 -3.34 2.30
C LYS B 87 -13.53 -4.04 1.23
N VAL B 88 -12.91 -4.38 0.10
CA VAL B 88 -13.59 -5.12 -0.96
C VAL B 88 -12.57 -6.14 -1.49
N PRO B 89 -13.04 -7.23 -2.11
CA PRO B 89 -12.10 -8.24 -2.61
C PRO B 89 -11.26 -7.82 -3.80
N LYS B 90 -11.82 -6.99 -4.67
CA LYS B 90 -11.09 -6.55 -5.84
C LYS B 90 -11.74 -5.30 -6.43
N GLY B 91 -10.92 -4.43 -6.99
CA GLY B 91 -11.45 -3.21 -7.56
C GLY B 91 -10.38 -2.19 -7.88
N ALA B 92 -10.82 -1.02 -8.31
CA ALA B 92 -9.92 0.07 -8.69
C ALA B 92 -9.40 0.84 -7.49
N PHE B 93 -8.49 0.22 -6.73
CA PHE B 93 -7.91 0.84 -5.55
C PHE B 93 -6.41 0.63 -5.59
N THR B 94 -5.75 1.40 -6.45
CA THR B 94 -4.31 1.33 -6.62
C THR B 94 -3.60 1.42 -5.29
N GLY B 95 -2.67 0.49 -5.07
CA GLY B 95 -1.90 0.48 -3.83
C GLY B 95 -2.49 -0.35 -2.70
N GLU B 96 -3.70 -0.86 -2.88
CA GLU B 96 -4.37 -1.65 -1.85
C GLU B 96 -4.32 -3.15 -2.08
N ILE B 97 -4.49 -3.90 -0.99
CA ILE B 97 -4.54 -5.35 -1.08
C ILE B 97 -5.81 -5.76 -0.33
N SER B 98 -6.32 -6.95 -0.62
CA SER B 98 -7.56 -7.38 0.01
C SER B 98 -7.45 -8.69 0.74
N PRO B 99 -8.47 -9.03 1.55
CA PRO B 99 -8.49 -10.29 2.29
C PRO B 99 -8.43 -11.47 1.32
N ALA B 100 -9.01 -11.27 0.13
CA ALA B 100 -9.01 -12.33 -0.88
C ALA B 100 -7.57 -12.65 -1.28
N MET B 101 -6.75 -11.63 -1.42
CA MET B 101 -5.34 -11.81 -1.77
C MET B 101 -4.61 -12.46 -0.59
N ILE B 102 -4.91 -12.00 0.62
CA ILE B 102 -4.28 -12.55 1.81
C ILE B 102 -4.53 -14.06 1.87
N LYS B 103 -5.76 -14.47 1.58
CA LYS B 103 -6.11 -15.88 1.59
C LYS B 103 -5.43 -16.63 0.45
N ASP B 104 -5.36 -16.01 -0.72
CA ASP B 104 -4.73 -16.62 -1.87
C ASP B 104 -3.26 -16.89 -1.58
N LEU B 105 -2.65 -16.02 -0.77
CA LEU B 105 -1.25 -16.16 -0.39
C LEU B 105 -1.12 -17.25 0.66
N GLY B 106 -2.24 -17.75 1.15
CA GLY B 106 -2.23 -18.80 2.15
C GLY B 106 -2.10 -18.27 3.58
N LEU B 107 -2.48 -17.01 3.78
CA LEU B 107 -2.41 -16.38 5.09
C LEU B 107 -3.81 -16.30 5.70
N GLU B 108 -3.87 -16.09 7.02
CA GLU B 108 -5.15 -16.01 7.70
C GLU B 108 -5.21 -14.89 8.74
N TRP B 109 -4.26 -13.97 8.67
CA TRP B 109 -4.21 -12.85 9.62
C TRP B 109 -3.94 -11.52 8.95
N VAL B 110 -4.44 -10.45 9.57
CA VAL B 110 -4.22 -9.09 9.09
C VAL B 110 -4.28 -8.13 10.28
N ILE B 111 -3.45 -7.10 10.25
CA ILE B 111 -3.45 -6.09 11.31
C ILE B 111 -4.27 -4.93 10.78
N LEU B 112 -5.27 -4.48 11.54
CA LEU B 112 -6.08 -3.35 11.12
C LEU B 112 -6.17 -2.28 12.19
N GLY B 113 -6.22 -1.02 11.76
CA GLY B 113 -6.33 0.08 12.70
C GLY B 113 -5.05 0.44 13.41
N HIS B 114 -3.91 0.00 12.89
CA HIS B 114 -2.65 0.31 13.54
C HIS B 114 -2.50 1.82 13.66
N SER B 115 -1.89 2.27 14.75
CA SER B 115 -1.70 3.69 15.01
C SER B 115 -1.16 4.47 13.81
N GLU B 116 -0.19 3.89 13.10
CA GLU B 116 0.37 4.58 11.95
C GLU B 116 -0.66 4.77 10.83
N ARG B 117 -1.57 3.81 10.66
CA ARG B 117 -2.60 3.94 9.63
C ARG B 117 -3.59 5.02 10.04
N ARG B 118 -3.97 5.03 11.31
CA ARG B 118 -4.93 6.01 11.81
C ARG B 118 -4.40 7.44 11.90
N HIS B 119 -3.18 7.60 12.38
CA HIS B 119 -2.62 8.93 12.58
C HIS B 119 -1.65 9.49 11.55
N VAL B 120 -0.96 8.63 10.82
CA VAL B 120 -0.04 9.11 9.79
C VAL B 120 -0.78 9.15 8.45
N PHE B 121 -1.59 8.14 8.19
CA PHE B 121 -2.31 8.07 6.93
C PHE B 121 -3.81 8.36 7.02
N GLY B 122 -4.22 8.91 8.17
CA GLY B 122 -5.61 9.30 8.39
C GLY B 122 -6.78 8.35 8.18
N GLU B 123 -6.61 7.06 8.48
CA GLU B 123 -7.73 6.13 8.33
C GLU B 123 -8.73 6.38 9.47
N SER B 124 -9.99 6.61 9.12
CA SER B 124 -11.03 6.89 10.10
C SER B 124 -11.50 5.65 10.86
N ASP B 125 -12.18 5.87 11.98
CA ASP B 125 -12.69 4.75 12.78
C ASP B 125 -13.65 3.94 11.91
N ALA B 126 -14.46 4.64 11.13
CA ALA B 126 -15.44 4.03 10.25
C ALA B 126 -14.80 3.17 9.17
N LEU B 127 -13.76 3.68 8.52
CA LEU B 127 -13.09 2.92 7.48
C LEU B 127 -12.49 1.66 8.07
N ILE B 128 -11.84 1.79 9.21
CA ILE B 128 -11.23 0.66 9.88
C ILE B 128 -12.29 -0.39 10.26
N ALA B 129 -13.46 0.06 10.70
CA ALA B 129 -14.53 -0.85 11.06
C ALA B 129 -15.05 -1.60 9.83
N GLU B 130 -15.14 -0.90 8.71
CA GLU B 130 -15.60 -1.51 7.47
C GLU B 130 -14.59 -2.54 7.00
N LYS B 131 -13.31 -2.22 7.14
CA LYS B 131 -12.24 -3.14 6.75
C LYS B 131 -12.34 -4.39 7.62
N THR B 132 -12.57 -4.18 8.91
CA THR B 132 -12.66 -5.30 9.84
C THR B 132 -13.84 -6.22 9.52
N VAL B 133 -15.02 -5.63 9.26
CA VAL B 133 -16.19 -6.41 8.91
C VAL B 133 -15.90 -7.29 7.69
N HIS B 134 -15.37 -6.65 6.65
CA HIS B 134 -15.03 -7.36 5.42
C HIS B 134 -14.00 -8.47 5.61
N ALA B 135 -12.95 -8.17 6.38
CA ALA B 135 -11.90 -9.14 6.61
C ALA B 135 -12.45 -10.35 7.35
N LEU B 136 -13.30 -10.11 8.35
CA LEU B 136 -13.87 -11.20 9.13
C LEU B 136 -14.84 -12.02 8.26
N GLU B 137 -15.58 -11.35 7.38
CA GLU B 137 -16.51 -12.04 6.50
C GLU B 137 -15.73 -12.96 5.55
N ALA B 138 -14.53 -12.52 5.18
CA ALA B 138 -13.66 -13.28 4.28
C ALA B 138 -13.06 -14.50 4.96
N GLY B 139 -13.24 -14.57 6.28
CA GLY B 139 -12.72 -15.71 7.01
C GLY B 139 -11.30 -15.59 7.54
N ILE B 140 -10.76 -14.38 7.60
CA ILE B 140 -9.42 -14.22 8.13
C ILE B 140 -9.53 -13.56 9.50
N LYS B 141 -8.49 -13.74 10.32
CA LYS B 141 -8.47 -13.19 11.67
C LYS B 141 -7.88 -11.79 11.67
N VAL B 142 -8.33 -10.98 12.63
CA VAL B 142 -7.90 -9.59 12.73
C VAL B 142 -7.27 -9.14 14.03
N VAL B 143 -6.12 -8.48 13.93
CA VAL B 143 -5.47 -7.90 15.11
C VAL B 143 -5.97 -6.46 15.01
N PHE B 144 -6.98 -6.15 15.81
CA PHE B 144 -7.61 -4.84 15.82
C PHE B 144 -6.90 -3.93 16.79
N CYS B 145 -6.25 -2.90 16.26
CA CYS B 145 -5.47 -1.95 17.07
C CYS B 145 -6.22 -0.70 17.52
N ILE B 146 -6.00 -0.34 18.78
CA ILE B 146 -6.61 0.85 19.37
C ILE B 146 -5.57 1.49 20.29
N GLY B 147 -5.79 2.74 20.66
CA GLY B 147 -4.84 3.41 21.54
C GLY B 147 -5.04 4.91 21.56
N GLU B 148 -4.81 5.52 22.73
CA GLU B 148 -4.95 6.96 22.88
C GLU B 148 -3.60 7.65 22.77
N LYS B 149 -3.63 8.93 22.41
CA LYS B 149 -2.43 9.75 22.28
C LYS B 149 -2.09 10.28 23.68
N LEU B 150 -0.87 10.76 23.85
CA LEU B 150 -0.44 11.30 25.14
C LEU B 150 -1.38 12.38 25.64
N GLU B 151 -1.70 13.34 24.77
CA GLU B 151 -2.59 14.43 25.16
C GLU B 151 -3.98 13.95 25.57
N GLU B 152 -4.45 12.86 24.96
CA GLU B 152 -5.75 12.32 25.29
C GLU B 152 -5.72 11.64 26.66
N ARG B 153 -4.59 11.00 26.98
CA ARG B 153 -4.46 10.36 28.28
C ARG B 153 -4.34 11.41 29.38
N GLU B 154 -3.56 12.46 29.10
CA GLU B 154 -3.38 13.51 30.10
C GLU B 154 -4.69 14.23 30.36
N ALA B 155 -5.55 14.31 29.35
CA ALA B 155 -6.84 14.98 29.47
C ALA B 155 -7.91 14.08 30.11
N GLY B 156 -7.50 12.86 30.48
CA GLY B 156 -8.42 11.93 31.11
C GLY B 156 -9.36 11.19 30.18
N HIS B 157 -8.98 11.03 28.92
CA HIS B 157 -9.83 10.35 27.96
C HIS B 157 -9.29 9.03 27.43
N THR B 158 -8.43 8.37 28.21
CA THR B 158 -7.89 7.08 27.79
C THR B 158 -9.06 6.13 27.54
N LYS B 159 -9.96 6.06 28.51
CA LYS B 159 -11.11 5.18 28.42
C LYS B 159 -12.01 5.55 27.24
N ASP B 160 -12.34 6.83 27.12
CA ASP B 160 -13.21 7.32 26.05
C ASP B 160 -12.71 7.01 24.65
N VAL B 161 -11.44 7.32 24.40
CA VAL B 161 -10.82 7.10 23.10
C VAL B 161 -10.81 5.63 22.70
N ASN B 162 -10.29 4.78 23.57
CA ASN B 162 -10.23 3.36 23.27
C ASN B 162 -11.63 2.76 23.10
N PHE B 163 -12.58 3.21 23.92
CA PHE B 163 -13.94 2.70 23.79
C PHE B 163 -14.57 3.14 22.47
N ARG B 164 -14.30 4.38 22.06
CA ARG B 164 -14.87 4.88 20.81
C ARG B 164 -14.38 4.05 19.63
N GLN B 165 -13.08 3.75 19.60
CA GLN B 165 -12.52 2.98 18.50
C GLN B 165 -13.11 1.58 18.44
N LEU B 166 -13.44 1.03 19.61
CA LEU B 166 -14.04 -0.30 19.68
C LEU B 166 -15.53 -0.24 19.34
N GLN B 167 -16.18 0.83 19.77
CA GLN B 167 -17.61 1.00 19.51
C GLN B 167 -17.88 1.01 18.01
N ALA B 168 -16.91 1.47 17.25
CA ALA B 168 -17.04 1.53 15.80
C ALA B 168 -17.33 0.16 15.19
N ILE B 169 -16.66 -0.89 15.65
CA ILE B 169 -16.92 -2.22 15.12
C ILE B 169 -18.12 -2.86 15.80
N VAL B 170 -18.39 -2.46 17.05
CA VAL B 170 -19.56 -2.98 17.74
C VAL B 170 -20.78 -2.49 16.95
N ASP B 171 -20.72 -1.24 16.51
CA ASP B 171 -21.82 -0.66 15.74
C ASP B 171 -22.05 -1.39 14.43
N LYS B 172 -20.99 -1.98 13.89
CA LYS B 172 -21.08 -2.74 12.64
C LYS B 172 -21.59 -4.15 12.91
N GLY B 173 -21.72 -4.49 14.17
CA GLY B 173 -22.20 -5.81 14.55
C GLY B 173 -21.27 -6.96 14.22
N VAL B 174 -19.98 -6.79 14.47
CA VAL B 174 -19.02 -7.84 14.20
C VAL B 174 -19.06 -8.88 15.32
N SER B 175 -18.64 -10.10 15.01
CA SER B 175 -18.58 -11.12 16.04
C SER B 175 -17.14 -11.01 16.52
N TRP B 176 -16.79 -11.63 17.64
CA TRP B 176 -15.45 -11.48 18.17
C TRP B 176 -14.56 -12.72 18.27
N GLU B 177 -15.03 -13.86 17.80
CA GLU B 177 -14.22 -15.07 17.91
C GLU B 177 -12.90 -15.01 17.16
N ASN B 178 -12.83 -14.21 16.10
CA ASN B 178 -11.60 -14.08 15.32
C ASN B 178 -10.91 -12.73 15.46
N ILE B 179 -11.15 -12.05 16.57
CA ILE B 179 -10.53 -10.75 16.81
C ILE B 179 -9.61 -10.76 18.02
N VAL B 180 -8.40 -10.25 17.85
CA VAL B 180 -7.43 -10.10 18.93
C VAL B 180 -7.31 -8.59 19.04
N ILE B 181 -7.58 -8.03 20.22
CA ILE B 181 -7.48 -6.59 20.41
C ILE B 181 -6.07 -6.23 20.81
N ALA B 182 -5.49 -5.24 20.13
CA ALA B 182 -4.15 -4.80 20.46
C ALA B 182 -4.23 -3.39 21.00
N TYR B 183 -3.96 -3.23 22.29
CA TYR B 183 -3.97 -1.92 22.92
C TYR B 183 -2.55 -1.40 22.80
N GLU B 184 -2.38 -0.34 22.01
CA GLU B 184 -1.08 0.26 21.82
C GLU B 184 -1.17 1.77 21.96
N PRO B 185 -0.90 2.29 23.16
CA PRO B 185 -0.98 3.74 23.34
C PRO B 185 0.01 4.40 22.38
N VAL B 186 -0.44 5.41 21.66
CA VAL B 186 0.40 6.08 20.68
C VAL B 186 1.72 6.59 21.24
N TRP B 187 1.67 7.10 22.48
CA TRP B 187 2.86 7.63 23.11
C TRP B 187 3.94 6.60 23.43
N ALA B 188 3.58 5.32 23.36
CA ALA B 188 4.53 4.25 23.65
C ALA B 188 5.12 3.59 22.40
N ILE B 189 4.68 4.01 21.22
CA ILE B 189 5.18 3.40 19.98
C ILE B 189 6.52 3.95 19.51
N GLY B 190 7.54 3.08 19.54
CA GLY B 190 8.88 3.44 19.10
C GLY B 190 9.61 4.51 19.87
N THR B 191 9.06 4.90 21.02
CA THR B 191 9.63 5.95 21.85
C THR B 191 10.42 5.42 23.04
N GLY B 192 10.18 4.17 23.40
CA GLY B 192 10.85 3.60 24.55
C GLY B 192 10.03 3.92 25.79
N LYS B 193 9.00 4.74 25.61
CA LYS B 193 8.11 5.14 26.70
C LYS B 193 7.02 4.08 26.90
N THR B 194 7.45 2.92 27.37
CA THR B 194 6.57 1.79 27.60
C THR B 194 5.53 2.08 28.69
N ALA B 195 4.33 1.55 28.53
CA ALA B 195 3.31 1.71 29.56
C ALA B 195 3.79 0.83 30.70
N SER B 196 3.48 1.19 31.93
CA SER B 196 3.87 0.36 33.06
C SER B 196 2.90 -0.81 33.06
N GLY B 197 3.22 -1.87 33.79
CA GLY B 197 2.33 -3.01 33.82
C GLY B 197 0.98 -2.61 34.39
N GLU B 198 1.00 -1.71 35.38
CA GLU B 198 -0.23 -1.25 35.98
C GLU B 198 -1.10 -0.46 35.01
N GLN B 199 -0.47 0.39 34.21
CA GLN B 199 -1.21 1.18 33.23
C GLN B 199 -1.90 0.28 32.21
N ALA B 200 -1.15 -0.68 31.69
CA ALA B 200 -1.68 -1.60 30.69
C ALA B 200 -2.79 -2.45 31.29
N GLN B 201 -2.52 -3.04 32.45
CA GLN B 201 -3.50 -3.88 33.13
C GLN B 201 -4.80 -3.10 33.33
N GLU B 202 -4.67 -1.84 33.73
CA GLU B 202 -5.84 -1.00 33.96
C GLU B 202 -6.69 -0.86 32.70
N VAL B 203 -6.05 -0.56 31.57
CA VAL B 203 -6.75 -0.41 30.31
C VAL B 203 -7.37 -1.72 29.82
N HIS B 204 -6.62 -2.81 29.95
CA HIS B 204 -7.16 -4.10 29.51
C HIS B 204 -8.39 -4.49 30.33
N GLU B 205 -8.40 -4.12 31.61
CA GLU B 205 -9.55 -4.43 32.45
C GLU B 205 -10.73 -3.61 31.95
N TRP B 206 -10.49 -2.35 31.61
CA TRP B 206 -11.56 -1.50 31.09
C TRP B 206 -12.09 -2.10 29.80
N ILE B 207 -11.19 -2.55 28.93
CA ILE B 207 -11.60 -3.14 27.66
C ILE B 207 -12.51 -4.35 27.87
N ARG B 208 -12.17 -5.21 28.82
CA ARG B 208 -13.00 -6.38 29.10
C ARG B 208 -14.35 -5.96 29.65
N ALA B 209 -14.36 -4.92 30.49
CA ALA B 209 -15.61 -4.42 31.06
C ALA B 209 -16.50 -3.96 29.92
N PHE B 210 -15.90 -3.28 28.96
CA PHE B 210 -16.60 -2.78 27.79
C PHE B 210 -17.20 -3.95 27.02
N LEU B 211 -16.40 -5.00 26.81
CA LEU B 211 -16.85 -6.18 26.08
C LEU B 211 -17.93 -6.94 26.85
N LYS B 212 -17.75 -7.07 28.17
CA LYS B 212 -18.72 -7.79 28.99
C LYS B 212 -20.09 -7.11 28.88
N GLU B 213 -20.07 -5.78 28.90
CA GLU B 213 -21.31 -5.00 28.81
C GLU B 213 -21.91 -4.91 27.41
N LYS B 214 -21.10 -4.46 26.45
CA LYS B 214 -21.55 -4.30 25.07
C LYS B 214 -21.78 -5.60 24.31
N VAL B 215 -21.04 -6.63 24.67
CA VAL B 215 -21.17 -7.91 23.98
C VAL B 215 -21.68 -9.01 24.92
N SER B 216 -20.78 -9.59 25.71
CA SER B 216 -21.17 -10.64 26.64
C SER B 216 -20.01 -11.06 27.54
N PRO B 217 -20.32 -11.65 28.71
CA PRO B 217 -19.29 -12.10 29.64
C PRO B 217 -18.34 -13.10 28.98
N ALA B 218 -18.91 -13.99 28.16
CA ALA B 218 -18.13 -15.01 27.46
C ALA B 218 -17.10 -14.36 26.54
N VAL B 219 -17.53 -13.36 25.79
CA VAL B 219 -16.63 -12.66 24.88
C VAL B 219 -15.58 -11.89 25.67
N ALA B 220 -15.98 -11.30 26.80
CA ALA B 220 -15.06 -10.55 27.62
C ALA B 220 -13.94 -11.45 28.16
N ASP B 221 -14.28 -12.69 28.47
CA ASP B 221 -13.31 -13.64 29.01
C ASP B 221 -12.48 -14.36 27.94
N ALA B 222 -13.04 -14.51 26.75
CA ALA B 222 -12.36 -15.22 25.67
C ALA B 222 -11.49 -14.37 24.76
N THR B 223 -11.85 -13.09 24.61
CA THR B 223 -11.11 -12.21 23.72
C THR B 223 -9.70 -11.89 24.22
N ARG B 224 -8.72 -12.16 23.37
CA ARG B 224 -7.35 -11.89 23.74
C ARG B 224 -7.04 -10.42 23.52
N ILE B 225 -6.47 -9.80 24.54
CA ILE B 225 -6.10 -8.38 24.50
C ILE B 225 -4.60 -8.31 24.72
N ILE B 226 -3.87 -7.91 23.68
CA ILE B 226 -2.42 -7.82 23.78
C ILE B 226 -1.98 -6.38 23.88
N TYR B 227 -0.81 -6.18 24.51
CA TYR B 227 -0.24 -4.86 24.68
C TYR B 227 0.89 -4.60 23.70
N GLY B 228 0.94 -3.37 23.19
CA GLY B 228 2.00 -3.01 22.27
C GLY B 228 2.49 -1.61 22.59
N GLY B 229 3.75 -1.33 22.28
CA GLY B 229 4.31 -0.02 22.53
C GLY B 229 5.60 -0.13 23.32
N SER B 230 6.70 -0.23 22.58
CA SER B 230 8.03 -0.35 23.19
C SER B 230 8.19 -1.56 24.08
N VAL B 231 7.70 -2.71 23.61
CA VAL B 231 7.84 -3.94 24.34
C VAL B 231 9.23 -4.45 23.92
N THR B 232 10.05 -4.80 24.90
CA THR B 232 11.41 -5.28 24.62
C THR B 232 11.68 -6.49 25.49
N ALA B 233 12.81 -7.13 25.25
CA ALA B 233 13.19 -8.30 26.03
C ALA B 233 13.41 -7.90 27.49
N ASP B 234 13.69 -6.61 27.71
CA ASP B 234 13.93 -6.11 29.07
C ASP B 234 12.67 -5.97 29.93
N ASN B 235 11.53 -5.70 29.31
CA ASN B 235 10.28 -5.52 30.06
C ASN B 235 9.18 -6.53 29.78
N ALA B 236 9.35 -7.37 28.76
CA ALA B 236 8.32 -8.34 28.40
C ALA B 236 7.94 -9.30 29.53
N ALA B 237 8.95 -9.82 30.22
CA ALA B 237 8.69 -10.75 31.32
C ALA B 237 7.85 -10.09 32.41
N GLU B 238 8.16 -8.85 32.76
CA GLU B 238 7.42 -8.17 33.80
C GLU B 238 6.00 -7.80 33.35
N LEU B 239 5.87 -7.30 32.12
CA LEU B 239 4.55 -6.95 31.60
C LEU B 239 3.69 -8.21 31.49
N GLY B 240 4.33 -9.30 31.10
CA GLY B 240 3.63 -10.56 30.94
C GLY B 240 3.01 -11.14 32.21
N LYS B 241 3.42 -10.62 33.36
CA LYS B 241 2.87 -11.10 34.63
C LYS B 241 1.47 -10.58 34.90
N LYS B 242 1.10 -9.49 34.23
CA LYS B 242 -0.24 -8.92 34.40
C LYS B 242 -1.24 -9.86 33.72
N PRO B 243 -2.18 -10.40 34.51
CA PRO B 243 -3.21 -11.34 34.04
C PRO B 243 -4.15 -10.96 32.90
N ASP B 244 -4.42 -9.67 32.73
CA ASP B 244 -5.31 -9.27 31.64
C ASP B 244 -4.58 -8.92 30.34
N ILE B 245 -3.27 -9.12 30.35
CA ILE B 245 -2.45 -8.90 29.16
C ILE B 245 -2.27 -10.30 28.60
N ASP B 246 -2.76 -10.53 27.38
CA ASP B 246 -2.68 -11.85 26.78
C ASP B 246 -1.58 -12.01 25.75
N GLY B 247 -0.67 -11.05 25.70
CA GLY B 247 0.41 -11.12 24.74
C GLY B 247 0.88 -9.74 24.36
N PHE B 248 1.67 -9.66 23.30
CA PHE B 248 2.21 -8.39 22.86
C PHE B 248 2.20 -8.23 21.35
N LEU B 249 2.25 -6.98 20.92
CA LEU B 249 2.39 -6.65 19.50
C LEU B 249 3.72 -5.94 19.61
N VAL B 250 4.72 -6.47 18.89
CA VAL B 250 6.07 -5.94 18.95
C VAL B 250 6.56 -5.36 17.62
N GLY B 251 7.07 -4.13 17.67
CA GLY B 251 7.57 -3.50 16.47
C GLY B 251 9.07 -3.62 16.31
N GLY B 252 9.80 -2.60 16.77
CA GLY B 252 11.25 -2.62 16.65
C GLY B 252 11.95 -3.87 17.17
N ALA B 253 11.53 -4.37 18.33
CA ALA B 253 12.15 -5.55 18.91
C ALA B 253 11.88 -6.83 18.14
N SER B 254 10.93 -6.81 17.20
CA SER B 254 10.62 -8.02 16.44
C SER B 254 11.65 -8.24 15.33
N LEU B 255 12.48 -7.24 15.09
CA LEU B 255 13.50 -7.32 14.04
C LEU B 255 14.82 -7.93 14.50
N LYS B 256 14.92 -8.25 15.79
CA LYS B 256 16.15 -8.81 16.34
C LYS B 256 15.90 -10.11 17.08
N PRO B 257 16.96 -10.91 17.28
CA PRO B 257 16.88 -12.20 17.98
C PRO B 257 16.18 -12.22 19.33
N ASP B 258 16.31 -11.14 20.11
CA ASP B 258 15.66 -11.10 21.40
C ASP B 258 14.14 -11.16 21.32
N PHE B 259 13.60 -11.10 20.10
CA PHE B 259 12.17 -11.20 19.91
C PHE B 259 11.74 -12.56 20.47
N VAL B 260 12.61 -13.55 20.38
CA VAL B 260 12.31 -14.88 20.89
C VAL B 260 12.14 -14.87 22.40
N LYS B 261 12.85 -13.97 23.08
CA LYS B 261 12.73 -13.87 24.53
C LYS B 261 11.37 -13.27 24.88
N ILE B 262 10.83 -12.48 23.97
CA ILE B 262 9.53 -11.86 24.18
C ILE B 262 8.45 -12.91 23.97
N ILE B 263 8.64 -13.75 22.95
CA ILE B 263 7.71 -14.82 22.66
C ILE B 263 7.59 -15.71 23.90
N ASN B 264 8.73 -15.96 24.54
CA ASN B 264 8.77 -16.82 25.74
C ASN B 264 8.63 -16.04 27.04
N ALA B 265 7.99 -14.87 26.98
CA ALA B 265 7.81 -14.03 28.16
C ALA B 265 7.14 -14.73 29.35
N ARG B 266 6.27 -15.69 29.08
CA ARG B 266 5.59 -16.42 30.15
C ARG B 266 6.13 -17.83 30.35
N SER B 267 7.26 -18.13 29.72
CA SER B 267 7.86 -19.44 29.85
C SER B 267 8.87 -19.46 30.99
#